data_3AV9
#
_entry.id   3AV9
#
_cell.length_a   70.958
_cell.length_b   70.958
_cell.length_c   67.054
_cell.angle_alpha   90.000
_cell.angle_beta   90.000
_cell.angle_gamma   120.000
#
_symmetry.space_group_name_H-M   'P 31'
#
loop_
_entity.id
_entity.type
_entity.pdbx_description
1 polymer Integrase
2 polymer 'LEDGF peptide'
3 non-polymer 'SULFATE ION'
4 non-polymer 'ACETIC ACID'
5 non-polymer 'CHLORIDE ION'
6 water water
#
loop_
_entity_poly.entity_id
_entity_poly.type
_entity_poly.pdbx_seq_one_letter_code
_entity_poly.pdbx_strand_id
1 'polypeptide(L)'
;MGSSHHHHHHSSGLVPRGSHMHGQVDSSPGIWQLDCTHLEGKVILVAVHVASGYIEAEVIPAETGQETAYFLLKLAGRWP
VKTVHTDNGSNFTSTTVKAACWWAGIKQEDGIPYNPQSQGVIESMNKELKKIIGQVRDQAEHLKTAVQMAVFIHNHKRKG
GIGGYSAGERIVDIIATDIQTKE
;
A,B
2 'polypeptide(L)' SAKIDNLD X,Y
#
# COMPACT_ATOMS: atom_id res chain seq x y z
N SER A 27 -18.06 12.72 0.51
CA SER A 27 -17.15 12.09 1.54
C SER A 27 -17.79 10.82 2.22
N SER A 28 -18.30 9.92 1.40
CA SER A 28 -18.63 8.59 1.84
C SER A 28 -17.34 7.73 2.10
N PRO A 29 -17.45 6.60 2.81
CA PRO A 29 -16.29 5.76 3.10
C PRO A 29 -15.48 5.27 1.89
N GLY A 30 -16.10 5.22 0.72
CA GLY A 30 -15.40 4.63 -0.44
C GLY A 30 -14.84 5.70 -1.44
N ILE A 31 -14.84 6.98 -1.09
N ILE A 31 -14.79 6.96 -1.06
CA ILE A 31 -14.45 8.05 -2.04
CA ILE A 31 -14.42 8.00 -2.02
C ILE A 31 -13.03 8.45 -1.89
C ILE A 31 -13.03 8.53 -1.90
N TRP A 32 -12.28 8.43 -3.01
CA TRP A 32 -10.90 8.85 -3.03
C TRP A 32 -10.68 9.82 -4.16
N GLN A 33 -9.69 10.67 -3.95
CA GLN A 33 -9.30 11.73 -4.95
CA GLN A 33 -9.34 11.67 -4.99
C GLN A 33 -7.88 11.53 -5.33
N LEU A 34 -7.59 11.52 -6.66
CA LEU A 34 -6.20 11.49 -7.11
C LEU A 34 -5.64 12.90 -7.17
N ASP A 35 -4.33 12.97 -7.08
CA ASP A 35 -3.63 14.33 -7.03
C ASP A 35 -2.23 14.07 -7.51
N CYS A 36 -1.69 14.94 -8.37
CA CYS A 36 -0.38 14.70 -8.98
C CYS A 36 0.39 15.96 -8.68
N THR A 37 1.57 15.80 -8.07
CA THR A 37 2.39 16.98 -7.77
C THR A 37 3.81 16.71 -8.20
N HIS A 38 4.65 17.75 -8.33
CA HIS A 38 5.96 17.53 -8.92
C HIS A 38 7.01 18.01 -7.95
N LEU A 39 8.14 17.34 -7.96
CA LEU A 39 9.39 17.68 -7.17
C LEU A 39 10.58 17.00 -7.80
N GLU A 40 11.73 17.71 -7.81
CA GLU A 40 13.00 17.14 -8.26
C GLU A 40 12.91 16.60 -9.66
N GLY A 41 12.07 17.24 -10.48
CA GLY A 41 11.88 16.75 -11.87
C GLY A 41 11.16 15.42 -11.99
N LYS A 42 10.50 15.01 -10.89
CA LYS A 42 9.78 13.76 -10.89
C LYS A 42 8.34 14.06 -10.47
N VAL A 43 7.47 13.05 -10.54
CA VAL A 43 6.07 13.22 -10.31
C VAL A 43 5.73 12.35 -9.06
N ILE A 44 4.93 12.96 -8.20
CA ILE A 44 4.51 12.18 -6.99
C ILE A 44 2.99 12.07 -7.29
N LEU A 45 2.49 10.83 -7.37
CA LEU A 45 1.04 10.62 -7.48
C LEU A 45 0.47 10.22 -6.14
N VAL A 46 -0.60 10.90 -5.75
CA VAL A 46 -1.16 10.69 -4.41
C VAL A 46 -2.62 10.34 -4.53
N ALA A 47 -3.08 9.45 -3.69
CA ALA A 47 -4.51 9.23 -3.57
C ALA A 47 -4.92 9.62 -2.20
N VAL A 48 -6.06 10.32 -2.11
N VAL A 48 -5.89 10.54 -2.04
CA VAL A 48 -6.49 10.89 -0.83
CA VAL A 48 -6.32 10.87 -0.65
C VAL A 48 -7.85 10.30 -0.48
C VAL A 48 -7.75 10.37 -0.44
N HIS A 49 -8.00 9.74 0.72
CA HIS A 49 -9.31 9.33 1.12
C HIS A 49 -10.00 10.56 1.69
N VAL A 50 -11.05 11.01 0.98
N VAL A 50 -10.98 11.08 0.97
CA VAL A 50 -11.49 12.40 1.20
CA VAL A 50 -11.33 12.48 1.22
C VAL A 50 -12.00 12.63 2.64
C VAL A 50 -12.01 12.66 2.63
N ALA A 51 -12.75 11.67 3.11
CA ALA A 51 -13.46 11.78 4.48
C ALA A 51 -12.47 11.82 5.61
N SER A 52 -11.27 11.16 5.48
CA SER A 52 -10.28 11.11 6.57
C SER A 52 -9.03 11.92 6.34
N GLY A 53 -8.64 12.22 5.09
CA GLY A 53 -7.37 12.84 4.72
C GLY A 53 -6.16 11.85 4.71
N TYR A 54 -6.48 10.56 4.83
CA TYR A 54 -5.41 9.52 4.79
C TYR A 54 -4.90 9.49 3.35
N ILE A 55 -3.61 9.22 3.19
CA ILE A 55 -3.10 9.21 1.79
C ILE A 55 -2.21 7.94 1.53
N GLU A 56 -2.11 7.60 0.23
CA GLU A 56 -1.08 6.66 -0.25
C GLU A 56 -0.41 7.46 -1.43
N ALA A 57 0.90 7.21 -1.62
CA ALA A 57 1.56 8.00 -2.72
C ALA A 57 2.70 7.20 -3.28
N GLU A 58 3.10 7.52 -4.52
CA GLU A 58 4.30 6.94 -5.08
CA GLU A 58 4.26 6.92 -5.11
C GLU A 58 5.01 7.93 -5.98
N VAL A 59 6.27 7.65 -6.19
CA VAL A 59 7.04 8.47 -7.19
C VAL A 59 7.09 7.72 -8.49
N ILE A 60 6.80 8.42 -9.60
CA ILE A 60 6.94 7.84 -10.98
C ILE A 60 7.60 8.88 -11.84
N PRO A 61 8.21 8.49 -13.01
CA PRO A 61 9.06 9.40 -13.72
C PRO A 61 8.20 10.38 -14.45
N ALA A 62 7.00 9.92 -14.83
CA ALA A 62 5.98 10.87 -15.33
C ALA A 62 4.59 10.26 -15.26
N GLU A 63 3.54 11.10 -15.36
CA GLU A 63 2.22 10.61 -15.12
C GLU A 63 1.76 10.10 -16.48
N THR A 64 1.50 8.82 -16.58
CA THR A 64 0.93 8.22 -17.77
C THR A 64 -0.36 7.47 -17.37
N GLY A 65 -1.23 7.08 -18.35
CA GLY A 65 -2.43 6.30 -17.95
C GLY A 65 -1.93 4.93 -17.41
N GLN A 66 -0.85 4.33 -17.95
CA GLN A 66 -0.42 3.02 -17.43
C GLN A 66 0.03 3.12 -15.96
N GLU A 67 0.77 4.19 -15.65
CA GLU A 67 1.25 4.35 -14.23
C GLU A 67 0.03 4.60 -13.36
N THR A 68 -0.90 5.44 -13.82
CA THR A 68 -2.05 5.77 -12.97
C THR A 68 -2.95 4.56 -12.73
N ALA A 69 -3.09 3.78 -13.82
CA ALA A 69 -3.89 2.55 -13.73
C ALA A 69 -3.32 1.53 -12.74
N TYR A 70 -2.00 1.34 -12.78
CA TYR A 70 -1.38 0.40 -11.83
C TYR A 70 -1.50 0.90 -10.40
N PHE A 71 -1.34 2.21 -10.19
CA PHE A 71 -1.46 2.75 -8.81
C PHE A 71 -2.89 2.51 -8.33
N LEU A 72 -3.93 2.72 -9.18
CA LEU A 72 -5.29 2.50 -8.68
C LEU A 72 -5.57 1.03 -8.41
N LEU A 73 -4.96 0.10 -9.23
CA LEU A 73 -5.10 -1.33 -8.93
C LEU A 73 -4.49 -1.66 -7.57
N LYS A 74 -3.31 -1.10 -7.29
CA LYS A 74 -2.70 -1.27 -5.95
CA LYS A 74 -2.73 -1.31 -5.91
C LYS A 74 -3.64 -0.77 -4.80
N LEU A 75 -4.17 0.48 -4.99
CA LEU A 75 -4.94 1.10 -3.95
C LEU A 75 -6.21 0.24 -3.68
N ALA A 76 -6.88 -0.15 -4.76
CA ALA A 76 -8.14 -0.87 -4.55
C ALA A 76 -7.99 -2.29 -4.02
N GLY A 77 -6.79 -2.88 -4.14
CA GLY A 77 -6.61 -4.19 -3.46
C GLY A 77 -6.41 -4.03 -1.95
N ARG A 78 -6.13 -2.75 -1.49
CA ARG A 78 -5.71 -2.52 -0.10
C ARG A 78 -6.82 -1.84 0.71
N TRP A 79 -7.70 -1.02 0.07
CA TRP A 79 -8.84 -0.37 0.73
C TRP A 79 -10.04 -0.52 -0.16
N PRO A 80 -11.25 -0.39 0.39
CA PRO A 80 -12.45 -0.63 -0.42
C PRO A 80 -12.83 0.62 -1.20
N VAL A 81 -12.25 0.79 -2.39
CA VAL A 81 -12.29 1.98 -3.15
C VAL A 81 -13.58 1.87 -4.05
N LYS A 82 -14.57 2.73 -3.79
CA LYS A 82 -15.82 2.68 -4.56
C LYS A 82 -15.76 3.72 -5.70
N THR A 83 -15.24 4.90 -5.43
CA THR A 83 -15.27 5.98 -6.40
C THR A 83 -13.91 6.65 -6.42
N VAL A 84 -13.40 6.94 -7.61
CA VAL A 84 -12.18 7.78 -7.65
CA VAL A 84 -12.18 7.74 -7.67
C VAL A 84 -12.44 9.01 -8.47
N HIS A 85 -12.24 10.17 -7.88
N HIS A 85 -12.21 10.16 -7.86
CA HIS A 85 -12.19 11.41 -8.71
CA HIS A 85 -12.17 11.45 -8.59
C HIS A 85 -10.82 11.57 -9.27
C HIS A 85 -10.81 11.58 -9.25
N THR A 86 -10.74 11.49 -10.58
CA THR A 86 -9.42 11.56 -11.24
CA THR A 86 -9.46 11.54 -11.24
C THR A 86 -8.84 12.98 -11.14
N ASP A 87 -7.52 13.06 -11.33
CA ASP A 87 -6.81 14.36 -11.07
C ASP A 87 -6.83 15.34 -12.25
N ASN A 88 -7.08 14.78 -13.44
CA ASN A 88 -7.11 15.61 -14.68
C ASN A 88 -7.89 14.86 -15.77
N GLY A 89 -8.11 15.55 -16.87
CA GLY A 89 -8.95 15.01 -17.92
C GLY A 89 -8.19 13.95 -18.72
N SER A 90 -6.88 13.96 -18.73
CA SER A 90 -6.14 12.94 -19.50
C SER A 90 -6.34 11.57 -18.75
N ASN A 91 -6.25 11.60 -17.42
CA ASN A 91 -6.48 10.27 -16.68
C ASN A 91 -7.95 9.95 -16.67
N PHE A 92 -8.87 10.90 -16.77
CA PHE A 92 -10.28 10.59 -16.91
C PHE A 92 -10.54 9.91 -18.28
N THR A 93 -9.85 10.37 -19.32
CA THR A 93 -10.12 9.88 -20.70
C THR A 93 -9.38 8.56 -20.93
N SER A 94 -8.26 8.32 -20.27
CA SER A 94 -7.35 7.21 -20.55
C SER A 94 -8.05 5.83 -20.57
N THR A 95 -7.99 5.13 -21.68
N THR A 95 -7.87 5.11 -21.69
CA THR A 95 -8.71 3.86 -21.65
CA THR A 95 -8.53 3.79 -21.81
C THR A 95 -8.02 2.86 -20.71
C THR A 95 -7.97 2.83 -20.78
N THR A 96 -6.71 3.02 -20.52
CA THR A 96 -5.97 2.13 -19.57
C THR A 96 -6.49 2.40 -18.14
N VAL A 97 -6.67 3.69 -17.78
CA VAL A 97 -7.21 3.93 -16.46
C VAL A 97 -8.66 3.42 -16.37
N LYS A 98 -9.47 3.59 -17.45
CA LYS A 98 -10.84 3.07 -17.36
C LYS A 98 -10.83 1.54 -17.27
N ALA A 99 -9.85 0.89 -17.89
CA ALA A 99 -9.78 -0.59 -17.80
C ALA A 99 -9.44 -1.02 -16.39
N ALA A 100 -8.55 -0.29 -15.72
CA ALA A 100 -8.24 -0.70 -14.36
C ALA A 100 -9.39 -0.44 -13.47
N CYS A 101 -10.14 0.67 -13.63
CA CYS A 101 -11.27 0.97 -12.76
C CYS A 101 -12.39 -0.08 -13.05
N TRP A 102 -12.53 -0.54 -14.32
CA TRP A 102 -13.43 -1.65 -14.56
C TRP A 102 -12.97 -2.90 -13.79
N TRP A 103 -11.72 -3.22 -13.89
CA TRP A 103 -11.24 -4.47 -13.31
C TRP A 103 -11.47 -4.45 -11.84
N ALA A 104 -11.08 -3.35 -11.20
CA ALA A 104 -11.20 -3.27 -9.73
C ALA A 104 -12.54 -2.85 -9.15
N GLY A 105 -13.57 -2.69 -9.99
CA GLY A 105 -14.86 -2.28 -9.47
C GLY A 105 -14.98 -0.86 -8.98
N ILE A 106 -14.21 0.03 -9.57
CA ILE A 106 -14.25 1.41 -9.16
C ILE A 106 -15.05 2.26 -10.17
N LYS A 107 -15.87 3.18 -9.63
CA LYS A 107 -16.58 4.19 -10.46
CA LYS A 107 -16.54 4.19 -10.47
C LYS A 107 -15.60 5.29 -10.71
N GLN A 108 -15.25 5.49 -11.97
CA GLN A 108 -14.32 6.54 -12.30
C GLN A 108 -15.08 7.83 -12.54
N GLU A 109 -14.73 8.87 -11.85
CA GLU A 109 -15.43 10.16 -11.93
C GLU A 109 -14.44 11.30 -12.31
N ASP A 110 -15.00 12.44 -12.76
CA ASP A 110 -14.12 13.62 -12.98
C ASP A 110 -13.65 14.23 -11.65
N GLY A 111 -13.04 15.40 -11.62
CA GLY A 111 -12.44 15.86 -10.32
C GLY A 111 -12.79 17.32 -10.16
N ILE A 112 -13.88 17.64 -10.85
CA ILE A 112 -14.32 19.06 -10.87
C ILE A 112 -14.65 19.52 -9.44
N PRO A 113 -14.03 20.64 -9.00
CA PRO A 113 -14.32 21.14 -7.67
C PRO A 113 -15.66 21.92 -7.71
N TYR A 114 -16.76 21.22 -7.96
CA TYR A 114 -18.10 21.81 -7.77
C TYR A 114 -18.11 22.46 -6.41
N ASN A 115 -17.28 21.92 -5.52
CA ASN A 115 -17.03 22.57 -4.24
C ASN A 115 -15.63 23.19 -4.21
N PRO A 116 -15.56 24.54 -4.32
CA PRO A 116 -14.24 25.24 -4.45
C PRO A 116 -13.30 24.99 -3.24
N GLN A 117 -13.88 24.55 -2.11
CA GLN A 117 -13.05 24.17 -0.97
C GLN A 117 -12.12 23.01 -1.36
N SER A 118 -12.64 22.04 -2.15
CA SER A 118 -11.86 20.93 -2.76
C SER A 118 -10.52 21.35 -3.32
N GLN A 119 -10.54 22.27 -4.27
N GLN A 119 -10.51 22.32 -4.24
CA GLN A 119 -9.35 22.86 -4.87
CA GLN A 119 -9.24 22.72 -4.80
C GLN A 119 -8.30 23.30 -3.80
C GLN A 119 -8.25 23.25 -3.75
N GLY A 120 -8.77 24.02 -2.77
CA GLY A 120 -7.90 24.60 -1.72
C GLY A 120 -7.31 23.55 -0.78
N VAL A 121 -8.14 22.56 -0.41
CA VAL A 121 -7.75 21.43 0.47
C VAL A 121 -6.57 20.65 -0.19
N ILE A 122 -6.69 20.32 -1.48
N ILE A 122 -6.69 20.32 -1.48
CA ILE A 122 -5.63 19.61 -2.22
CA ILE A 122 -5.61 19.58 -2.18
C ILE A 122 -4.34 20.42 -2.28
C ILE A 122 -4.33 20.42 -2.30
N GLU A 123 -4.47 21.73 -2.51
CA GLU A 123 -3.27 22.58 -2.59
C GLU A 123 -2.58 22.57 -1.27
N SER A 124 -3.32 22.67 -0.21
CA SER A 124 -2.60 22.86 0.99
C SER A 124 -2.06 21.45 1.39
N MET A 125 -2.69 20.36 0.96
N MET A 125 -2.74 20.39 0.92
CA MET A 125 -2.04 19.02 1.24
CA MET A 125 -2.25 18.98 1.04
C MET A 125 -0.71 18.90 0.49
C MET A 125 -0.85 18.84 0.43
N ASN A 126 -0.68 19.38 -0.77
CA ASN A 126 0.60 19.29 -1.53
C ASN A 126 1.66 20.11 -0.84
N LYS A 127 1.28 21.31 -0.37
CA LYS A 127 2.28 22.10 0.35
C LYS A 127 2.74 21.48 1.69
N GLU A 128 1.82 20.83 2.42
CA GLU A 128 2.21 20.10 3.67
C GLU A 128 3.13 18.92 3.33
N LEU A 129 2.79 18.15 2.29
N LEU A 129 2.71 18.17 2.32
CA LEU A 129 3.68 17.01 1.96
CA LEU A 129 3.52 17.02 1.94
C LEU A 129 5.02 17.45 1.49
C LEU A 129 4.89 17.46 1.51
N LYS A 130 5.00 18.55 0.74
CA LYS A 130 6.30 19.02 0.34
C LYS A 130 7.12 19.56 1.55
N LYS A 131 6.43 20.12 2.51
CA LYS A 131 7.14 20.58 3.73
C LYS A 131 7.75 19.38 4.47
N ILE A 132 6.96 18.32 4.59
CA ILE A 132 7.44 17.12 5.29
C ILE A 132 8.60 16.50 4.51
N ILE A 133 8.46 16.32 3.15
CA ILE A 133 9.56 15.81 2.41
C ILE A 133 10.86 16.59 2.65
N GLY A 134 10.74 17.94 2.75
CA GLY A 134 11.92 18.75 3.02
C GLY A 134 12.53 18.46 4.35
N GLN A 135 11.68 18.14 5.31
CA GLN A 135 12.18 17.93 6.64
C GLN A 135 12.88 16.56 6.73
N VAL A 136 12.50 15.61 5.84
CA VAL A 136 13.22 14.31 5.88
C VAL A 136 14.22 14.11 4.83
N ARG A 137 14.27 15.09 3.89
CA ARG A 137 14.91 14.77 2.59
C ARG A 137 16.35 14.35 2.77
N ASP A 138 17.03 14.89 3.78
CA ASP A 138 18.47 14.54 3.94
C ASP A 138 18.73 13.15 4.62
N GLN A 139 17.67 12.47 5.06
CA GLN A 139 17.81 11.15 5.69
C GLN A 139 17.65 10.13 4.55
N ALA A 140 17.35 10.54 3.30
CA ALA A 140 17.16 9.51 2.23
C ALA A 140 18.01 9.84 0.99
N GLU A 141 18.60 8.84 0.40
CA GLU A 141 19.33 9.06 -0.87
C GLU A 141 18.26 9.34 -1.95
N HIS A 142 17.23 8.47 -2.03
CA HIS A 142 16.26 8.54 -3.12
C HIS A 142 14.99 9.27 -2.74
N LEU A 143 14.40 10.07 -3.65
CA LEU A 143 13.17 10.72 -3.34
C LEU A 143 12.12 9.74 -2.89
N LYS A 144 12.04 8.56 -3.56
CA LYS A 144 10.93 7.69 -3.17
C LYS A 144 10.93 7.29 -1.69
N THR A 145 12.09 7.15 -1.09
CA THR A 145 12.11 6.94 0.39
C THR A 145 11.56 8.13 1.16
N ALA A 146 11.99 9.38 0.78
CA ALA A 146 11.48 10.54 1.45
C ALA A 146 9.99 10.66 1.32
N VAL A 147 9.47 10.32 0.12
CA VAL A 147 8.00 10.41 0.00
C VAL A 147 7.34 9.39 0.90
N GLN A 148 7.86 8.17 1.03
CA GLN A 148 7.14 7.24 1.90
C GLN A 148 7.32 7.64 3.36
N MET A 149 8.46 8.31 3.71
CA MET A 149 8.56 8.87 5.09
C MET A 149 7.48 9.90 5.33
N ALA A 150 7.24 10.71 4.28
CA ALA A 150 6.23 11.77 4.39
C ALA A 150 4.82 11.23 4.46
N VAL A 151 4.54 10.11 3.73
CA VAL A 151 3.24 9.45 3.85
C VAL A 151 3.09 8.99 5.32
N PHE A 152 4.15 8.38 5.87
CA PHE A 152 4.03 7.85 7.24
C PHE A 152 3.76 8.99 8.23
N ILE A 153 4.52 10.03 8.11
CA ILE A 153 4.30 11.16 9.10
C ILE A 153 2.91 11.76 8.89
N HIS A 154 2.46 11.97 7.64
CA HIS A 154 1.15 12.55 7.43
C HIS A 154 0.04 11.69 8.05
N ASN A 155 0.07 10.35 7.80
CA ASN A 155 -0.99 9.46 8.23
C ASN A 155 -0.99 9.29 9.74
N HIS A 156 0.16 9.47 10.37
CA HIS A 156 0.17 9.23 11.83
C HIS A 156 -0.01 10.51 12.62
N LYS A 157 0.07 11.67 11.96
CA LYS A 157 -0.09 12.99 12.70
C LYS A 157 -1.43 13.16 13.35
N ARG A 158 -1.36 13.43 14.67
CA ARG A 158 -2.58 13.69 15.41
C ARG A 158 -2.97 15.16 15.28
N LYS A 159 -4.22 15.43 14.95
CA LYS A 159 -4.67 16.82 14.75
C LYS A 159 -5.87 17.13 15.65
N GLY A 164 -7.62 14.05 20.05
CA GLY A 164 -7.53 14.16 18.56
C GLY A 164 -6.93 12.92 17.85
N TYR A 165 -7.49 12.61 16.69
CA TYR A 165 -7.18 11.35 15.99
C TYR A 165 -6.27 11.60 14.77
N SER A 166 -5.60 10.54 14.31
CA SER A 166 -4.80 10.75 13.06
C SER A 166 -5.65 10.35 11.85
N ALA A 167 -5.16 10.66 10.65
CA ALA A 167 -5.89 10.23 9.45
C ALA A 167 -5.97 8.70 9.36
N GLY A 168 -4.92 7.98 9.79
CA GLY A 168 -4.96 6.51 9.75
C GLY A 168 -5.98 5.97 10.72
N GLU A 169 -6.10 6.66 11.87
CA GLU A 169 -7.20 6.30 12.75
C GLU A 169 -8.62 6.59 12.16
N ARG A 170 -8.80 7.72 11.51
CA ARG A 170 -10.09 8.14 11.01
C ARG A 170 -10.46 7.20 9.93
N ILE A 171 -9.50 6.87 9.03
CA ILE A 171 -9.96 6.00 7.91
C ILE A 171 -10.47 4.63 8.41
N VAL A 172 -9.78 3.99 9.38
CA VAL A 172 -10.23 2.66 9.92
C VAL A 172 -11.60 2.80 10.57
N ASP A 173 -11.78 3.89 11.32
CA ASP A 173 -13.07 4.14 12.05
CA ASP A 173 -13.05 4.04 12.05
C ASP A 173 -14.21 4.24 11.06
N ILE A 174 -13.98 5.04 10.04
CA ILE A 174 -15.00 5.26 9.03
C ILE A 174 -15.36 4.01 8.33
N ILE A 175 -14.36 3.22 7.86
CA ILE A 175 -14.71 2.05 7.12
C ILE A 175 -15.34 1.00 8.02
N ALA A 176 -14.86 0.93 9.27
CA ALA A 176 -15.40 -0.16 10.16
C ALA A 176 -16.87 0.15 10.47
N THR A 177 -17.14 1.43 10.61
CA THR A 177 -18.51 1.86 10.88
C THR A 177 -19.41 1.47 9.72
N ASP A 178 -18.93 1.65 8.48
CA ASP A 178 -19.62 1.29 7.27
C ASP A 178 -19.85 -0.24 7.18
N ILE A 179 -18.86 -1.03 7.52
CA ILE A 179 -19.02 -2.47 7.48
C ILE A 179 -20.14 -2.90 8.48
N GLN A 180 -20.20 -2.29 9.66
CA GLN A 180 -21.10 -2.72 10.77
C GLN A 180 -22.56 -2.31 10.54
N SER B 27 -1.13 -12.81 17.56
CA SER B 27 -2.42 -12.32 16.90
C SER B 27 -2.99 -10.97 17.39
N SER B 28 -2.13 -10.12 17.92
CA SER B 28 -2.55 -8.78 18.19
C SER B 28 -2.79 -7.92 16.89
N PRO B 29 -3.49 -6.79 16.99
CA PRO B 29 -3.78 -5.91 15.87
C PRO B 29 -2.52 -5.41 15.09
N GLY B 30 -1.36 -5.40 15.75
CA GLY B 30 -0.22 -4.72 15.10
C GLY B 30 0.84 -5.74 14.59
N ILE B 31 0.49 -7.02 14.51
N ILE B 31 0.52 -7.04 14.54
CA ILE B 31 1.50 -8.04 14.19
CA ILE B 31 1.56 -8.02 14.17
C ILE B 31 1.43 -8.51 12.75
C ILE B 31 1.44 -8.50 12.74
N TRP B 32 2.56 -8.38 12.04
CA TRP B 32 2.66 -8.78 10.67
C TRP B 32 3.79 -9.76 10.46
N GLN B 33 3.64 -10.59 9.45
CA GLN B 33 4.68 -11.61 9.03
CA GLN B 33 4.71 -11.54 9.09
C GLN B 33 5.12 -11.38 7.64
N LEU B 34 6.46 -11.33 7.39
CA LEU B 34 6.96 -11.23 6.03
C LEU B 34 7.10 -12.60 5.46
N ASP B 35 7.02 -12.67 4.13
CA ASP B 35 7.02 -13.99 3.39
C ASP B 35 7.56 -13.70 2.01
N CYS B 36 8.46 -14.55 1.48
CA CYS B 36 9.10 -14.24 0.20
C CYS B 36 8.84 -15.53 -0.58
N THR B 37 8.30 -15.37 -1.76
CA THR B 37 8.07 -16.51 -2.64
C THR B 37 8.55 -16.19 -4.06
N HIS B 38 8.74 -17.21 -4.92
CA HIS B 38 9.36 -16.98 -6.19
C HIS B 38 8.44 -17.44 -7.31
N LEU B 39 8.44 -16.70 -8.40
CA LEU B 39 7.72 -17.03 -9.66
C LEU B 39 8.36 -16.36 -10.80
N GLU B 40 8.45 -17.08 -11.94
CA GLU B 40 8.94 -16.46 -13.18
C GLU B 40 10.32 -15.89 -13.07
N GLY B 41 11.15 -16.52 -12.19
CA GLY B 41 12.49 -16.00 -11.94
C GLY B 41 12.57 -14.69 -11.17
N LYS B 42 11.43 -14.31 -10.56
CA LYS B 42 11.34 -13.06 -9.87
C LYS B 42 10.91 -13.39 -8.44
N VAL B 43 10.97 -12.40 -7.53
CA VAL B 43 10.66 -12.58 -6.14
C VAL B 43 9.40 -11.75 -5.81
N ILE B 44 8.52 -12.40 -5.08
CA ILE B 44 7.28 -11.68 -4.66
C ILE B 44 7.49 -11.58 -3.12
N LEU B 45 7.52 -10.35 -2.60
CA LEU B 45 7.61 -10.17 -1.13
C LEU B 45 6.21 -9.82 -0.64
N VAL B 46 5.78 -10.56 0.39
CA VAL B 46 4.43 -10.39 0.92
C VAL B 46 4.51 -10.08 2.40
N ALA B 47 3.65 -9.18 2.86
CA ALA B 47 3.43 -8.99 4.25
C ALA B 47 2.04 -9.45 4.61
N VAL B 48 1.95 -10.20 5.71
N VAL B 48 1.89 -10.40 5.54
CA VAL B 48 0.64 -10.78 6.12
CA VAL B 48 0.49 -10.76 5.94
C VAL B 48 0.26 -10.23 7.49
C VAL B 48 0.21 -10.34 7.37
N HIS B 49 -0.96 -9.71 7.60
CA HIS B 49 -1.45 -9.32 8.90
C HIS B 49 -2.01 -10.60 9.53
N VAL B 50 -1.35 -11.06 10.60
N VAL B 50 -1.31 -11.15 10.51
CA VAL B 50 -1.51 -12.45 11.01
CA VAL B 50 -1.52 -12.55 10.82
C VAL B 50 -2.95 -12.74 11.44
C VAL B 50 -2.91 -12.78 11.48
N ALA B 51 -3.47 -11.78 12.18
CA ALA B 51 -4.85 -11.97 12.80
C ALA B 51 -5.97 -11.99 11.78
N SER B 52 -5.81 -11.28 10.63
CA SER B 52 -6.86 -11.24 9.58
C SER B 52 -6.58 -12.03 8.35
N GLY B 53 -5.29 -12.28 7.96
CA GLY B 53 -4.88 -12.88 6.69
C GLY B 53 -4.85 -11.85 5.54
N TYR B 54 -5.02 -10.58 5.89
CA TYR B 54 -4.96 -9.50 4.84
C TYR B 54 -3.49 -9.46 4.38
N ILE B 55 -3.25 -9.10 3.12
CA ILE B 55 -1.84 -9.08 2.65
C ILE B 55 -1.58 -7.82 1.81
N GLU B 56 -0.30 -7.46 1.76
CA GLU B 56 0.21 -6.48 0.76
C GLU B 56 1.40 -7.24 0.10
N ALA B 57 1.66 -6.92 -1.19
CA ALA B 57 2.78 -7.66 -1.80
C ALA B 57 3.37 -6.83 -2.90
N GLU B 58 4.63 -7.13 -3.26
CA GLU B 58 5.23 -6.50 -4.42
CA GLU B 58 5.23 -6.48 -4.37
C GLU B 58 6.17 -7.45 -5.10
N VAL B 59 6.42 -7.15 -6.37
CA VAL B 59 7.46 -7.91 -7.14
C VAL B 59 8.75 -7.14 -7.10
N ILE B 60 9.86 -7.81 -6.79
CA ILE B 60 11.25 -7.19 -6.81
C ILE B 60 12.17 -8.21 -7.50
N PRO B 61 13.33 -7.76 -8.06
CA PRO B 61 14.13 -8.60 -8.89
C PRO B 61 14.84 -9.61 -8.01
N ALA B 62 15.13 -9.18 -6.77
CA ALA B 62 15.68 -10.12 -5.79
C ALA B 62 15.49 -9.57 -4.39
N GLU B 63 15.59 -10.44 -3.35
N GLU B 63 15.50 -10.46 -3.39
CA GLU B 63 15.27 -10.05 -1.97
CA GLU B 63 15.30 -10.03 -2.05
C GLU B 63 16.43 -9.48 -1.14
C GLU B 63 16.66 -9.49 -1.62
N THR B 64 16.69 -8.20 -1.27
CA THR B 64 17.81 -7.57 -0.61
C THR B 64 17.34 -6.84 0.67
N GLY B 65 18.25 -6.47 1.58
CA GLY B 65 17.82 -5.69 2.77
C GLY B 65 17.26 -4.32 2.29
N GLN B 66 17.85 -3.68 1.26
CA GLN B 66 17.30 -2.38 0.84
C GLN B 66 15.85 -2.55 0.34
N GLU B 67 15.58 -3.61 -0.42
CA GLU B 67 14.17 -3.75 -0.94
C GLU B 67 13.28 -4.05 0.21
N THR B 68 13.73 -4.89 1.15
CA THR B 68 12.81 -5.30 2.22
C THR B 68 12.55 -4.12 3.13
N ALA B 69 13.59 -3.31 3.36
CA ALA B 69 13.45 -2.11 4.18
C ALA B 69 12.45 -1.10 3.61
N TYR B 70 12.56 -0.88 2.31
CA TYR B 70 11.61 0.05 1.64
C TYR B 70 10.17 -0.47 1.70
N PHE B 71 10.04 -1.78 1.50
CA PHE B 71 8.65 -2.35 1.58
C PHE B 71 8.09 -2.17 3.01
N LEU B 72 8.92 -2.37 4.06
CA LEU B 72 8.37 -2.20 5.40
C LEU B 72 8.05 -0.73 5.68
N LEU B 73 8.87 0.22 5.13
CA LEU B 73 8.53 1.64 5.30
C LEU B 73 7.18 1.93 4.65
N LYS B 74 6.94 1.41 3.44
CA LYS B 74 5.64 1.57 2.77
CA LYS B 74 5.58 1.62 2.83
C LYS B 74 4.46 1.04 3.68
N LEU B 75 4.66 -0.21 4.16
CA LEU B 75 3.62 -0.87 4.93
C LEU B 75 3.26 -0.07 6.18
N ALA B 76 4.30 0.35 6.90
CA ALA B 76 4.05 1.03 8.17
C ALA B 76 3.51 2.43 8.03
N GLY B 77 3.65 3.06 6.83
CA GLY B 77 2.96 4.35 6.66
C GLY B 77 1.45 4.14 6.42
N ARG B 78 1.04 2.87 6.05
CA ARG B 78 -0.33 2.61 5.61
C ARG B 78 -1.17 1.90 6.64
N TRP B 79 -0.55 1.08 7.53
CA TRP B 79 -1.26 0.42 8.64
C TRP B 79 -0.41 0.55 9.88
N PRO B 80 -1.01 0.33 11.05
CA PRO B 80 -0.24 0.56 12.31
C PRO B 80 0.55 -0.67 12.69
N VAL B 81 1.75 -0.77 12.15
CA VAL B 81 2.58 -1.97 12.18
C VAL B 81 3.42 -1.86 13.50
N LYS B 82 3.11 -2.73 14.46
CA LYS B 82 3.84 -2.72 15.75
C LYS B 82 5.01 -3.72 15.70
N THR B 83 4.78 -4.88 15.14
CA THR B 83 5.79 -5.96 15.18
C THR B 83 5.87 -6.60 13.83
N VAL B 84 7.06 -6.86 13.33
CA VAL B 84 7.21 -7.64 12.11
CA VAL B 84 7.19 -7.68 12.10
C VAL B 84 8.01 -8.89 12.39
N HIS B 85 7.46 -10.04 12.10
N HIS B 85 7.45 -10.03 12.06
CA HIS B 85 8.29 -11.29 12.10
CA HIS B 85 8.20 -11.30 12.02
C HIS B 85 8.92 -11.40 10.73
C HIS B 85 8.91 -11.35 10.67
N THR B 86 10.25 -11.31 10.68
CA THR B 86 10.96 -11.27 9.38
CA THR B 86 10.94 -11.26 9.44
C THR B 86 10.92 -12.68 8.78
N ASP B 87 11.16 -12.73 7.48
CA ASP B 87 10.93 -14.00 6.73
C ASP B 87 12.16 -14.96 6.78
N ASN B 88 13.30 -14.38 7.12
CA ASN B 88 14.56 -15.23 7.13
C ASN B 88 15.62 -14.47 7.94
N GLY B 89 16.75 -15.14 8.16
CA GLY B 89 17.74 -14.59 9.08
C GLY B 89 18.55 -13.48 8.41
N SER B 90 18.62 -13.45 7.09
CA SER B 90 19.38 -12.40 6.40
C SER B 90 18.62 -11.04 6.60
N ASN B 91 17.28 -11.10 6.43
CA ASN B 91 16.49 -9.83 6.72
C ASN B 91 16.43 -9.54 8.21
N PHE B 92 16.49 -10.50 9.10
CA PHE B 92 16.59 -10.21 10.54
C PHE B 92 17.94 -9.50 10.83
N THR B 93 19.02 -9.98 10.21
CA THR B 93 20.37 -9.43 10.50
C THR B 93 20.57 -8.07 9.82
N SER B 94 19.95 -7.82 8.66
CA SER B 94 20.25 -6.68 7.80
C SER B 94 20.21 -5.33 8.54
N THR B 95 21.28 -4.57 8.48
N THR B 95 21.31 -4.57 8.40
CA THR B 95 21.23 -3.35 9.28
CA THR B 95 21.38 -3.29 9.13
C THR B 95 20.32 -2.32 8.55
C THR B 95 20.31 -2.36 8.55
N THR B 96 20.13 -2.50 7.24
CA THR B 96 19.22 -1.59 6.51
C THR B 96 17.77 -1.93 6.95
N VAL B 97 17.42 -3.24 7.09
CA VAL B 97 16.08 -3.51 7.57
C VAL B 97 15.92 -3.01 9.03
N LYS B 98 16.96 -3.21 9.87
CA LYS B 98 16.86 -2.71 11.25
C LYS B 98 16.69 -1.17 11.25
N ALA B 99 17.36 -0.47 10.36
CA ALA B 99 17.23 0.98 10.29
C ALA B 99 15.82 1.39 9.91
N ALA B 100 15.23 0.65 8.95
CA ALA B 100 13.86 1.03 8.61
C ALA B 100 12.94 0.72 9.71
N CYS B 101 13.11 -0.39 10.47
CA CYS B 101 12.17 -0.74 11.56
C CYS B 101 12.39 0.30 12.73
N TRP B 102 13.63 0.79 12.91
CA TRP B 102 13.82 1.88 13.85
C TRP B 102 13.05 3.13 13.37
N TRP B 103 13.24 3.49 12.14
CA TRP B 103 12.60 4.73 11.65
C TRP B 103 11.13 4.67 11.85
N ALA B 104 10.51 3.56 11.43
CA ALA B 104 9.04 3.47 11.45
C ALA B 104 8.42 3.00 12.75
N GLY B 105 9.23 2.84 13.82
CA GLY B 105 8.70 2.33 15.06
C GLY B 105 8.23 0.92 15.12
N ILE B 106 8.90 0.05 14.38
CA ILE B 106 8.47 -1.34 14.37
C ILE B 106 9.46 -2.15 15.18
N LYS B 107 8.90 -3.09 15.97
CA LYS B 107 9.72 -4.08 16.68
CA LYS B 107 9.71 -4.09 16.70
C LYS B 107 10.04 -5.16 15.70
N GLN B 108 11.31 -5.32 15.41
CA GLN B 108 11.69 -6.37 14.45
C GLN B 108 11.96 -7.66 15.19
N GLU B 109 11.30 -8.72 14.82
CA GLU B 109 11.41 -10.04 15.44
C GLU B 109 11.85 -11.13 14.45
N ASP B 110 12.28 -12.27 15.00
N ASP B 110 12.27 -12.28 14.98
CA ASP B 110 12.59 -13.45 14.15
CA ASP B 110 12.56 -13.41 14.09
C ASP B 110 11.29 -14.09 13.67
C ASP B 110 11.27 -14.04 13.57
N GLY B 111 11.33 -15.23 12.98
CA GLY B 111 10.08 -15.74 12.31
C GLY B 111 9.91 -17.20 12.64
N ILE B 112 10.56 -17.54 13.75
CA ILE B 112 10.61 -18.94 14.12
C ILE B 112 9.16 -19.39 14.38
N PRO B 113 8.77 -20.52 13.74
CA PRO B 113 7.46 -21.06 14.00
C PRO B 113 7.51 -21.87 15.34
N TYR B 114 7.66 -21.20 16.47
CA TYR B 114 7.45 -21.85 17.77
C TYR B 114 6.09 -22.55 17.75
N ASN B 115 5.16 -21.98 16.97
CA ASN B 115 3.91 -22.65 16.61
C ASN B 115 3.96 -23.22 15.18
N PRO B 116 4.11 -24.55 15.05
CA PRO B 116 4.30 -25.18 13.71
C PRO B 116 3.12 -24.96 12.74
N GLN B 117 1.96 -24.55 13.28
CA GLN B 117 0.84 -24.17 12.41
C GLN B 117 1.22 -22.99 11.49
N SER B 118 2.10 -22.10 11.98
CA SER B 118 2.74 -21.02 11.19
C SER B 118 3.36 -21.39 9.82
N GLN B 119 4.33 -22.30 9.79
N GLN B 119 4.34 -22.28 9.75
CA GLN B 119 4.96 -22.77 8.54
CA GLN B 119 4.91 -22.58 8.43
C GLN B 119 3.84 -23.08 7.53
C GLN B 119 3.86 -23.14 7.47
N GLY B 120 2.90 -23.91 8.01
CA GLY B 120 1.80 -24.47 7.22
C GLY B 120 0.88 -23.40 6.65
N VAL B 121 0.48 -22.44 7.48
CA VAL B 121 -0.44 -21.37 7.08
C VAL B 121 0.25 -20.56 5.94
N ILE B 122 1.53 -20.23 6.12
N ILE B 122 1.53 -20.24 6.10
CA ILE B 122 2.29 -19.47 5.11
CA ILE B 122 2.23 -19.44 5.09
C ILE B 122 2.39 -20.25 3.78
C ILE B 122 2.42 -20.23 3.78
N GLU B 123 2.71 -21.54 3.89
CA GLU B 123 2.83 -22.35 2.68
C GLU B 123 1.51 -22.37 1.97
N SER B 124 0.43 -22.49 2.70
CA SER B 124 -0.76 -22.66 1.94
C SER B 124 -1.20 -21.26 1.39
N MET B 125 -0.83 -20.18 2.07
N MET B 125 -0.79 -20.20 2.10
CA MET B 125 -1.05 -18.84 1.42
CA MET B 125 -0.91 -18.81 1.59
C MET B 125 -0.28 -18.70 0.12
C MET B 125 -0.24 -18.62 0.24
N ASN B 126 0.99 -19.13 0.10
CA ASN B 126 1.77 -18.97 -1.14
C ASN B 126 1.17 -19.78 -2.24
N LYS B 127 0.74 -21.02 -1.88
CA LYS B 127 0.00 -21.84 -2.86
CA LYS B 127 0.03 -21.81 -2.89
C LYS B 127 -1.28 -21.17 -3.39
N GLU B 128 -2.09 -20.58 -2.47
CA GLU B 128 -3.34 -19.82 -2.87
C GLU B 128 -2.99 -18.65 -3.80
N LEU B 129 -1.96 -17.87 -3.44
N LEU B 129 -1.99 -17.90 -3.35
CA LEU B 129 -1.59 -16.71 -4.32
CA LEU B 129 -1.58 -16.74 -4.11
C LEU B 129 -1.08 -17.09 -5.66
C LEU B 129 -1.12 -17.11 -5.50
N LYS B 130 -0.32 -18.19 -5.66
CA LYS B 130 0.16 -18.62 -6.96
C LYS B 130 -0.98 -19.17 -7.82
N LYS B 131 -1.97 -19.77 -7.17
CA LYS B 131 -3.17 -20.25 -7.92
C LYS B 131 -3.93 -19.06 -8.54
N ILE B 132 -4.05 -17.99 -7.76
CA ILE B 132 -4.80 -16.81 -8.21
C ILE B 132 -4.00 -16.16 -9.30
N ILE B 133 -2.66 -15.98 -9.11
CA ILE B 133 -1.89 -15.40 -10.11
C ILE B 133 -2.03 -16.16 -11.48
N GLY B 134 -2.07 -17.50 -11.40
CA GLY B 134 -2.30 -18.28 -12.62
C GLY B 134 -3.63 -18.02 -13.28
N GLN B 135 -4.62 -17.77 -12.43
CA GLN B 135 -5.95 -17.53 -12.96
C GLN B 135 -6.05 -16.17 -13.65
N VAL B 136 -5.16 -15.23 -13.29
CA VAL B 136 -5.24 -13.90 -13.93
C VAL B 136 -4.14 -13.62 -14.88
N ARG B 137 -3.19 -14.60 -14.94
CA ARG B 137 -1.87 -14.23 -15.51
C ARG B 137 -2.01 -13.79 -16.93
N ASP B 138 -2.98 -14.37 -17.64
CA ASP B 138 -3.13 -14.00 -19.05
C ASP B 138 -3.83 -12.63 -19.33
N GLN B 139 -4.32 -11.95 -18.30
CA GLN B 139 -4.92 -10.63 -18.44
C GLN B 139 -3.81 -9.59 -18.25
N ALA B 140 -2.58 -9.99 -17.89
CA ALA B 140 -1.54 -8.95 -17.61
C ALA B 140 -0.28 -9.23 -18.41
N GLU B 141 0.32 -8.20 -18.97
CA GLU B 141 1.60 -8.37 -19.68
C GLU B 141 2.67 -8.64 -18.58
N HIS B 142 2.71 -7.80 -17.53
CA HIS B 142 3.77 -7.87 -16.52
C HIS B 142 3.37 -8.62 -15.27
N LEU B 143 4.27 -9.41 -14.66
CA LEU B 143 3.93 -10.13 -13.45
C LEU B 143 3.41 -9.15 -12.36
N LYS B 144 4.01 -7.97 -12.25
CA LYS B 144 3.58 -7.09 -11.16
C LYS B 144 2.08 -6.78 -11.20
N THR B 145 1.50 -6.64 -12.38
CA THR B 145 0.04 -6.43 -12.45
C THR B 145 -0.71 -7.66 -11.96
N ALA B 146 -0.26 -8.88 -12.40
CA ALA B 146 -0.93 -10.05 -11.94
C ALA B 146 -0.86 -10.22 -10.42
N VAL B 147 0.29 -9.87 -9.85
CA VAL B 147 0.36 -10.01 -8.39
C VAL B 147 -0.57 -9.00 -7.72
N GLN B 148 -0.70 -7.77 -8.25
CA GLN B 148 -1.63 -6.88 -7.56
C GLN B 148 -3.11 -7.31 -7.80
N MET B 149 -3.38 -7.95 -8.96
CA MET B 149 -4.74 -8.53 -9.12
C MET B 149 -4.99 -9.60 -8.09
N ALA B 150 -3.94 -10.41 -7.80
CA ALA B 150 -4.08 -11.48 -6.79
C ALA B 150 -4.19 -10.98 -5.37
N VAL B 151 -3.52 -9.86 -5.04
CA VAL B 151 -3.71 -9.23 -3.76
C VAL B 151 -5.20 -8.79 -3.65
N PHE B 152 -5.71 -8.17 -4.72
CA PHE B 152 -7.09 -7.68 -4.64
C PHE B 152 -8.03 -8.84 -4.45
N ILE B 153 -7.87 -9.87 -5.23
CA ILE B 153 -8.83 -11.01 -5.04
C ILE B 153 -8.67 -11.69 -3.67
N HIS B 154 -7.42 -11.87 -3.19
CA HIS B 154 -7.25 -12.46 -1.87
C HIS B 154 -7.93 -11.64 -0.77
N ASN B 155 -7.73 -10.30 -0.76
CA ASN B 155 -8.21 -9.41 0.30
C ASN B 155 -9.72 -9.26 0.23
N HIS B 156 -10.33 -9.47 -0.93
CA HIS B 156 -11.81 -9.23 -0.98
C HIS B 156 -12.57 -10.55 -0.88
N LYS B 157 -11.88 -11.69 -0.92
CA LYS B 157 -12.59 -13.02 -0.82
C LYS B 157 -13.28 -13.22 0.47
N ARG B 158 -14.62 -13.52 0.39
CA ARG B 158 -15.38 -13.83 1.59
C ARG B 158 -15.20 -15.32 1.97
N LYS B 159 -14.97 -15.60 3.24
CA LYS B 159 -14.81 -16.97 3.73
C LYS B 159 -15.67 -17.22 4.97
N GLY B 164 -20.20 -14.30 6.51
CA GLY B 164 -18.74 -14.46 6.24
C GLY B 164 -18.01 -13.22 5.69
N TYR B 165 -16.87 -12.91 6.33
CA TYR B 165 -16.21 -11.63 6.08
C TYR B 165 -14.93 -11.82 5.25
N SER B 166 -14.47 -10.73 4.62
CA SER B 166 -13.19 -10.88 3.88
C SER B 166 -12.00 -10.50 4.79
N ALA B 167 -10.77 -10.78 4.32
CA ALA B 167 -9.60 -10.35 5.11
C ALA B 167 -9.57 -8.82 5.23
N GLY B 168 -9.98 -8.11 4.20
CA GLY B 168 -9.93 -6.65 4.29
C GLY B 168 -10.97 -6.12 5.28
N GLU B 169 -12.12 -6.86 5.36
CA GLU B 169 -13.04 -6.51 6.45
C GLU B 169 -12.53 -6.82 7.83
N ARG B 170 -11.87 -7.95 8.00
CA ARG B 170 -11.36 -8.38 9.29
C ARG B 170 -10.30 -7.43 9.76
N ILE B 171 -9.37 -7.04 8.84
CA ILE B 171 -8.29 -6.16 9.36
C ILE B 171 -8.81 -4.82 9.87
N VAL B 172 -9.75 -4.20 9.17
CA VAL B 172 -10.35 -2.92 9.63
C VAL B 172 -11.07 -3.08 10.97
N ASP B 173 -11.82 -4.17 11.09
CA ASP B 173 -12.60 -4.44 12.35
CA ASP B 173 -12.59 -4.37 12.32
C ASP B 173 -11.64 -4.61 13.50
N ILE B 174 -10.61 -5.38 13.28
CA ILE B 174 -9.66 -5.59 14.35
C ILE B 174 -9.03 -4.34 14.76
N ILE B 175 -8.53 -3.54 13.79
CA ILE B 175 -7.84 -2.35 14.18
C ILE B 175 -8.78 -1.29 14.80
N ALA B 176 -9.99 -1.22 14.29
CA ALA B 176 -10.94 -0.21 14.82
C ALA B 176 -11.29 -0.59 16.27
N THR B 177 -11.39 -1.88 16.51
CA THR B 177 -11.71 -2.36 17.84
C THR B 177 -10.59 -1.93 18.79
N ASP B 178 -9.33 -2.14 18.38
CA ASP B 178 -8.15 -1.68 19.09
C ASP B 178 -8.13 -0.16 19.37
N ILE B 179 -8.39 0.67 18.36
CA ILE B 179 -8.39 2.11 18.56
C ILE B 179 -9.42 2.51 19.67
N GLN B 180 -10.60 1.90 19.66
CA GLN B 180 -11.72 2.21 20.61
C GLN B 180 -11.41 1.69 22.05
N SER C 1 26.27 5.64 2.67
CA SER C 1 26.43 7.13 2.71
C SER C 1 25.64 7.94 3.77
N ALA C 2 25.43 7.30 4.93
CA ALA C 2 24.66 7.82 6.08
C ALA C 2 23.21 8.20 5.74
N LYS C 3 22.58 7.36 4.91
CA LYS C 3 21.15 7.56 4.61
C LYS C 3 20.45 6.29 4.99
N ILE C 4 19.17 6.38 5.37
N ILE C 4 19.15 6.42 5.30
CA ILE C 4 18.41 5.20 5.80
CA ILE C 4 18.29 5.32 5.76
C ILE C 4 18.47 4.15 4.68
C ILE C 4 18.07 4.27 4.70
N ASP C 5 18.38 4.64 3.44
CA ASP C 5 18.19 3.78 2.30
C ASP C 5 19.51 3.40 1.67
N ASN C 6 20.60 3.97 2.23
CA ASN C 6 21.95 3.71 1.76
C ASN C 6 22.87 3.98 2.99
N LEU C 7 22.94 2.97 3.84
CA LEU C 7 23.63 3.15 5.12
C LEU C 7 25.11 3.49 4.85
N ASP C 8 25.64 2.95 3.74
CA ASP C 8 26.98 3.31 3.21
C ASP C 8 27.27 4.83 3.07
N SER D 1 -1.79 -4.89 -26.62
CA SER D 1 -1.62 -6.39 -26.68
C SER D 1 -2.76 -7.22 -26.05
N ALA D 2 -3.93 -6.59 -25.93
CA ALA D 2 -5.13 -7.14 -25.25
C ALA D 2 -4.89 -7.53 -23.80
N LYS D 3 -4.08 -6.73 -23.11
CA LYS D 3 -3.84 -6.95 -21.67
C LYS D 3 -4.28 -5.71 -20.92
N ILE D 4 -4.65 -5.85 -19.64
CA ILE D 4 -5.17 -4.70 -18.79
C ILE D 4 -4.06 -3.64 -18.76
N ASP D 5 -2.80 -4.10 -18.78
CA ASP D 5 -1.69 -3.19 -18.57
C ASP D 5 -1.04 -2.81 -19.85
N ASN D 6 -1.52 -3.37 -20.96
CA ASN D 6 -0.99 -3.05 -22.28
C ASN D 6 -2.16 -3.28 -23.25
N LEU D 7 -3.04 -2.28 -23.31
CA LEU D 7 -4.29 -2.43 -24.09
C LEU D 7 -3.97 -2.73 -25.59
N ASP D 8 -2.85 -2.21 -26.10
CA ASP D 8 -2.34 -2.62 -27.44
C ASP D 8 -2.18 -4.14 -27.66
#